data_1MDL
#
_entry.id   1MDL
#
_cell.length_a   125.320
_cell.length_b   125.320
_cell.length_c   106.420
_cell.angle_alpha   90.00
_cell.angle_beta   90.00
_cell.angle_gamma   90.00
#
_symmetry.space_group_name_H-M   'I 4 2 2'
#
loop_
_entity.id
_entity.type
_entity.pdbx_description
1 polymer 'MANDELATE RACEMASE'
2 non-polymer 'MAGNESIUM ION'
3 non-polymer '(R)-MANDELIC ACID'
4 non-polymer '(S)-MANDELIC ACID'
5 water water
#
_entity_poly.entity_id   1
_entity_poly.type   'polypeptide(L)'
_entity_poly.pdbx_seq_one_letter_code
;MSEVLITGLRTRAVNVPLAYPVHTAVGTVGTAPLVLIDLATSAGVVGHSYLFAYTPVALKSLKQLLDDMAAMIVNEPLAP
VSLEAMLAKRFCLAGYTGLIRMAAAGIDMAAWDALGKVHETPLVKLLGANARPVQAYDSHSLDGVKLATERAVTAAELGF
RAVKTRIGYPALDQDLAVVRSIRQAVGDDFGIMVDYNQSLDVPAAIKRSQALQQEGVTWIEEPTLQHDYEGHQRIQSKLN
VPVQMGENWLGPEEMFKALSIGACRLAMPDAMKIGGVTGWIRASALAQQFGIPMSSHLFQEISAHLLAATPTAHWLERLD
LAGSVIEPTLTFEGGNAVIPDLPGVGIIWREKEIGKYLV
;
_entity_poly.pdbx_strand_id   A
#
# COMPACT_ATOMS: atom_id res chain seq x y z
N GLU A 3 21.18 -16.70 18.32
CA GLU A 3 21.89 -15.45 18.43
C GLU A 3 21.10 -14.17 18.58
N VAL A 4 20.37 -13.65 17.59
CA VAL A 4 19.62 -12.43 17.85
C VAL A 4 18.19 -12.88 18.17
N LEU A 5 17.64 -12.47 19.32
CA LEU A 5 16.32 -12.88 19.74
C LEU A 5 15.37 -11.70 19.81
N ILE A 6 14.09 -12.01 19.68
CA ILE A 6 13.07 -10.98 19.82
C ILE A 6 12.79 -10.94 21.30
N THR A 7 12.75 -9.76 21.90
CA THR A 7 12.61 -9.76 23.34
C THR A 7 11.40 -9.05 23.83
N GLY A 8 10.63 -8.41 22.94
CA GLY A 8 9.42 -7.67 23.30
C GLY A 8 8.73 -7.07 22.07
N LEU A 9 7.45 -6.72 22.32
CA LEU A 9 6.59 -6.11 21.35
C LEU A 9 5.75 -5.01 21.99
N ARG A 10 5.91 -3.79 21.58
CA ARG A 10 5.02 -2.82 22.18
C ARG A 10 4.21 -2.19 21.06
N THR A 11 2.90 -1.89 21.27
CA THR A 11 2.02 -1.38 20.24
C THR A 11 1.34 -0.16 20.79
N ARG A 12 1.14 0.83 19.95
CA ARG A 12 0.43 2.03 20.33
C ARG A 12 -0.58 2.38 19.26
N ALA A 13 -1.89 2.56 19.58
CA ALA A 13 -2.94 2.89 18.61
C ALA A 13 -3.16 4.39 18.48
N VAL A 14 -3.04 4.97 17.27
CA VAL A 14 -3.21 6.40 17.17
C VAL A 14 -4.23 6.70 16.12
N ASN A 15 -4.73 7.93 16.10
CA ASN A 15 -5.58 8.42 15.04
C ASN A 15 -4.95 9.67 14.47
N VAL A 16 -4.21 9.57 13.38
CA VAL A 16 -3.49 10.69 12.84
C VAL A 16 -4.19 11.49 11.78
N PRO A 17 -3.84 12.77 11.80
CA PRO A 17 -4.41 13.68 10.85
C PRO A 17 -3.86 13.38 9.47
N LEU A 18 -4.64 13.62 8.45
CA LEU A 18 -4.14 13.45 7.12
C LEU A 18 -3.89 14.81 6.50
N ALA A 19 -2.77 14.90 5.81
CA ALA A 19 -2.46 16.12 5.10
C ALA A 19 -3.55 16.44 4.06
N TYR A 20 -4.03 15.39 3.42
CA TYR A 20 -5.03 15.43 2.36
C TYR A 20 -6.25 14.63 2.86
N PRO A 21 -7.18 15.36 3.45
CA PRO A 21 -8.41 14.73 3.86
C PRO A 21 -8.94 13.88 2.71
N VAL A 22 -9.41 12.67 2.98
CA VAL A 22 -9.88 11.89 1.86
C VAL A 22 -11.39 11.98 1.75
N HIS A 23 -11.85 12.48 0.62
CA HIS A 23 -13.27 12.58 0.37
C HIS A 23 -13.80 11.24 -0.10
N THR A 24 -15.02 10.97 0.30
CA THR A 24 -15.62 9.70 -0.01
C THR A 24 -17.09 9.94 -0.29
N ALA A 25 -17.84 8.91 -0.69
CA ALA A 25 -19.27 9.09 -1.00
C ALA A 25 -20.09 9.57 0.21
N VAL A 26 -19.74 8.93 1.35
CA VAL A 26 -20.21 9.12 2.73
C VAL A 26 -19.92 10.53 3.28
N GLY A 27 -18.61 10.89 3.35
CA GLY A 27 -18.12 12.19 3.80
C GLY A 27 -16.60 12.32 3.80
N THR A 28 -16.10 13.38 4.43
CA THR A 28 -14.68 13.59 4.50
C THR A 28 -14.00 12.86 5.68
N VAL A 29 -12.88 12.15 5.48
CA VAL A 29 -12.20 11.57 6.64
C VAL A 29 -10.85 12.26 6.84
N GLY A 30 -10.59 12.94 7.98
CA GLY A 30 -9.35 13.66 8.11
C GLY A 30 -8.34 12.92 8.99
N THR A 31 -8.67 11.71 9.40
CA THR A 31 -7.65 11.02 10.18
C THR A 31 -7.55 9.56 9.80
N ALA A 32 -6.39 8.94 10.09
CA ALA A 32 -6.08 7.54 9.81
C ALA A 32 -5.83 6.83 11.09
N PRO A 33 -6.43 5.68 11.27
CA PRO A 33 -6.31 4.84 12.41
C PRO A 33 -5.13 3.92 12.23
N LEU A 34 -4.03 4.16 12.93
CA LEU A 34 -2.83 3.31 12.80
C LEU A 34 -2.42 2.61 14.07
N VAL A 35 -1.74 1.46 13.92
CA VAL A 35 -1.14 0.82 15.07
C VAL A 35 0.40 0.92 14.80
N LEU A 36 1.24 1.53 15.70
CA LEU A 36 2.72 1.60 15.55
C LEU A 36 3.32 0.43 16.26
N ILE A 37 4.35 -0.22 15.72
CA ILE A 37 4.81 -1.34 16.42
C ILE A 37 6.27 -1.13 16.69
N ASP A 38 6.72 -1.58 17.89
CA ASP A 38 8.13 -1.53 18.21
C ASP A 38 8.54 -2.94 18.53
N LEU A 39 9.53 -3.50 17.81
CA LEU A 39 9.92 -4.87 18.04
C LEU A 39 11.30 -4.87 18.67
N ALA A 40 11.40 -5.22 19.97
CA ALA A 40 12.70 -5.13 20.60
C ALA A 40 13.50 -6.38 20.43
N THR A 41 14.83 -6.26 20.41
CA THR A 41 15.65 -7.42 20.20
C THR A 41 16.81 -7.48 21.14
N SER A 42 17.38 -8.69 21.28
CA SER A 42 18.46 -8.92 22.22
C SER A 42 19.67 -8.18 21.73
N ALA A 43 19.67 -7.72 20.50
CA ALA A 43 20.88 -6.97 20.09
C ALA A 43 20.83 -5.48 20.46
N GLY A 44 19.87 -5.02 21.22
CA GLY A 44 19.91 -3.57 21.45
C GLY A 44 19.26 -2.73 20.34
N VAL A 45 18.72 -3.35 19.29
CA VAL A 45 18.08 -2.52 18.26
C VAL A 45 16.58 -2.74 18.34
N VAL A 46 15.79 -1.74 17.88
CA VAL A 46 14.35 -1.85 17.86
C VAL A 46 13.88 -1.74 16.44
N GLY A 47 13.05 -2.68 16.01
CA GLY A 47 12.53 -2.57 14.64
C GLY A 47 11.24 -1.84 14.72
N HIS A 48 10.96 -1.09 13.69
CA HIS A 48 9.71 -0.41 13.75
C HIS A 48 8.86 -0.65 12.49
N SER A 49 7.52 -0.62 12.66
CA SER A 49 6.60 -0.63 11.54
C SER A 49 5.27 -0.09 12.00
N TYR A 50 4.34 0.07 11.07
CA TYR A 50 3.00 0.52 11.42
C TYR A 50 1.98 -0.27 10.63
N LEU A 51 0.71 -0.35 11.09
CA LEU A 51 -0.41 -0.99 10.38
C LEU A 51 -1.53 0.03 10.22
N PHE A 52 -2.24 -0.04 9.10
CA PHE A 52 -3.33 0.88 8.84
C PHE A 52 -4.59 0.04 9.12
N ALA A 53 -5.52 0.56 9.89
CA ALA A 53 -6.73 -0.17 10.26
C ALA A 53 -7.90 0.17 9.37
N TYR A 54 -7.80 1.11 8.43
CA TYR A 54 -8.93 1.38 7.55
C TYR A 54 -10.04 2.09 8.27
N THR A 55 -10.58 1.46 9.30
CA THR A 55 -11.66 2.16 10.02
C THR A 55 -11.42 2.12 11.52
N PRO A 56 -11.80 3.20 12.20
CA PRO A 56 -11.64 3.26 13.65
C PRO A 56 -12.34 2.09 14.33
N VAL A 57 -13.28 1.46 13.63
CA VAL A 57 -14.02 0.32 14.16
C VAL A 57 -13.14 -0.85 14.50
N ALA A 58 -12.08 -1.03 13.68
CA ALA A 58 -11.18 -2.15 13.90
C ALA A 58 -9.90 -1.84 14.66
N LEU A 59 -9.71 -0.57 15.02
CA LEU A 59 -8.41 -0.17 15.59
C LEU A 59 -8.09 -0.76 16.93
N LYS A 60 -8.96 -0.60 17.87
CA LYS A 60 -8.65 -1.27 19.13
C LYS A 60 -8.51 -2.81 19.02
N SER A 61 -9.39 -3.38 18.27
CA SER A 61 -9.32 -4.86 18.09
C SER A 61 -7.96 -5.28 17.49
N LEU A 62 -7.48 -4.53 16.49
CA LEU A 62 -6.17 -4.87 15.89
C LEU A 62 -5.09 -4.78 16.92
N LYS A 63 -5.02 -3.64 17.64
CA LYS A 63 -3.98 -3.58 18.69
C LYS A 63 -4.05 -4.68 19.73
N GLN A 64 -5.27 -5.00 20.20
CA GLN A 64 -5.43 -6.05 21.20
C GLN A 64 -4.90 -7.36 20.65
N LEU A 65 -5.14 -7.60 19.33
CA LEU A 65 -4.71 -8.87 18.72
C LEU A 65 -3.21 -9.04 18.76
N LEU A 66 -2.54 -7.97 18.34
CA LEU A 66 -1.08 -7.87 18.36
C LEU A 66 -0.58 -8.07 19.78
N ASP A 67 -1.13 -7.32 20.80
CA ASP A 67 -0.67 -7.51 22.19
C ASP A 67 -0.81 -8.93 22.68
N ASP A 68 -1.90 -9.55 22.26
CA ASP A 68 -2.12 -10.94 22.63
C ASP A 68 -1.17 -11.87 21.85
N MET A 69 -0.61 -11.49 20.69
CA MET A 69 0.23 -12.48 20.04
C MET A 69 1.69 -12.30 20.50
N ALA A 70 1.99 -11.21 21.21
CA ALA A 70 3.38 -11.00 21.62
C ALA A 70 4.00 -12.20 22.31
N ALA A 71 3.20 -12.89 23.06
CA ALA A 71 3.68 -14.04 23.77
C ALA A 71 4.21 -15.11 22.82
N MET A 72 3.67 -15.25 21.58
CA MET A 72 4.19 -16.29 20.69
C MET A 72 5.51 -15.95 20.01
N ILE A 73 5.80 -14.67 19.95
CA ILE A 73 7.03 -14.34 19.34
C ILE A 73 8.16 -13.96 20.28
N VAL A 74 7.88 -13.63 21.52
CA VAL A 74 8.97 -13.23 22.39
C VAL A 74 9.91 -14.41 22.62
N ASN A 75 11.23 -14.19 22.51
CA ASN A 75 12.22 -15.24 22.67
C ASN A 75 12.50 -16.11 21.44
N GLU A 76 11.91 -15.79 20.28
CA GLU A 76 12.14 -16.49 19.05
C GLU A 76 13.28 -15.76 18.39
N PRO A 77 14.01 -16.44 17.51
CA PRO A 77 15.11 -15.77 16.88
C PRO A 77 14.58 -14.74 15.90
N LEU A 78 15.36 -13.67 15.69
CA LEU A 78 14.96 -12.65 14.75
C LEU A 78 15.24 -13.13 13.32
N ALA A 79 14.34 -13.98 12.82
CA ALA A 79 14.41 -14.57 11.48
C ALA A 79 13.01 -14.58 10.87
N PRO A 80 12.66 -13.49 10.23
CA PRO A 80 11.40 -13.22 9.62
C PRO A 80 10.83 -14.35 8.75
N VAL A 81 11.64 -15.00 7.90
CA VAL A 81 11.06 -16.09 7.09
C VAL A 81 10.62 -17.22 7.97
N SER A 82 11.45 -17.59 8.93
CA SER A 82 11.05 -18.67 9.83
C SER A 82 9.93 -18.25 10.78
N LEU A 83 9.92 -17.02 11.25
CA LEU A 83 8.82 -16.59 12.06
C LEU A 83 7.50 -16.70 11.32
N GLU A 84 7.45 -16.26 10.03
CA GLU A 84 6.25 -16.22 9.23
C GLU A 84 5.70 -17.65 9.06
N ALA A 85 6.57 -18.61 8.92
CA ALA A 85 6.08 -19.98 8.76
C ALA A 85 5.44 -20.49 10.04
N MET A 86 5.99 -19.99 11.14
CA MET A 86 5.42 -20.44 12.44
C MET A 86 4.05 -19.87 12.73
N LEU A 87 3.87 -18.63 12.29
CA LEU A 87 2.61 -18.03 12.55
C LEU A 87 1.59 -18.67 11.61
N ALA A 88 1.95 -18.89 10.32
CA ALA A 88 0.99 -19.47 9.40
C ALA A 88 0.55 -20.80 9.98
N LYS A 89 1.44 -21.46 10.65
CA LYS A 89 0.97 -22.75 11.22
C LYS A 89 0.11 -22.58 12.48
N ARG A 90 0.36 -21.55 13.31
CA ARG A 90 -0.45 -21.40 14.54
C ARG A 90 -1.89 -21.00 14.23
N PHE A 91 -2.06 -20.22 13.21
CA PHE A 91 -3.34 -19.78 12.81
C PHE A 91 -3.96 -20.60 11.73
N CYS A 92 -3.44 -21.82 11.48
CA CYS A 92 -4.05 -22.54 10.35
C CYS A 92 -5.57 -22.87 10.53
N LEU A 93 -6.09 -23.00 11.80
CA LEU A 93 -7.53 -23.26 12.02
C LEU A 93 -8.28 -21.99 12.16
N ALA A 94 -7.69 -21.04 12.81
CA ALA A 94 -8.52 -19.89 12.90
C ALA A 94 -8.75 -19.25 11.57
N GLY A 95 -7.73 -19.22 10.72
CA GLY A 95 -7.91 -18.51 9.44
C GLY A 95 -6.75 -17.54 9.31
N TYR A 96 -5.69 -17.95 8.61
CA TYR A 96 -4.58 -17.03 8.48
C TYR A 96 -4.88 -16.01 7.37
N THR A 97 -5.76 -15.04 7.62
CA THR A 97 -6.09 -14.08 6.61
C THR A 97 -6.72 -12.95 7.38
N GLY A 98 -7.27 -11.96 6.76
CA GLY A 98 -7.86 -10.83 7.43
C GLY A 98 -7.00 -10.17 8.49
N LEU A 99 -7.62 -9.68 9.59
CA LEU A 99 -6.91 -9.07 10.72
C LEU A 99 -5.73 -9.90 11.18
N ILE A 100 -5.85 -11.21 11.40
CA ILE A 100 -4.70 -12.00 11.82
C ILE A 100 -3.53 -11.89 10.83
N ARG A 101 -3.81 -11.97 9.52
CA ARG A 101 -2.72 -11.93 8.58
C ARG A 101 -2.02 -10.55 8.63
N MET A 102 -2.80 -9.49 8.75
CA MET A 102 -2.32 -8.08 8.82
C MET A 102 -1.42 -7.90 10.04
N ALA A 103 -1.87 -8.50 11.13
CA ALA A 103 -1.07 -8.39 12.32
C ALA A 103 0.28 -9.02 12.10
N ALA A 104 0.26 -10.27 11.59
CA ALA A 104 1.52 -10.99 11.34
C ALA A 104 2.45 -10.24 10.40
N ALA A 105 1.86 -9.51 9.48
CA ALA A 105 2.57 -8.72 8.50
C ALA A 105 3.17 -7.54 9.23
N GLY A 106 2.55 -7.10 10.30
CA GLY A 106 3.15 -6.02 11.06
C GLY A 106 4.43 -6.45 11.69
N ILE A 107 4.39 -7.60 12.38
CA ILE A 107 5.60 -8.15 12.93
C ILE A 107 6.68 -8.39 11.86
N ASP A 108 6.30 -8.93 10.67
CA ASP A 108 7.30 -9.22 9.63
C ASP A 108 8.03 -7.92 9.30
N MET A 109 7.31 -6.80 8.97
CA MET A 109 7.97 -5.60 8.56
C MET A 109 8.85 -5.05 9.69
N ALA A 110 8.37 -5.17 10.92
CA ALA A 110 9.25 -4.62 11.97
C ALA A 110 10.47 -5.55 12.05
N ALA A 111 10.29 -6.86 11.91
CA ALA A 111 11.38 -7.76 12.09
C ALA A 111 12.44 -7.50 11.05
N TRP A 112 12.04 -7.23 9.80
CA TRP A 112 13.00 -6.93 8.74
C TRP A 112 13.72 -5.59 8.98
N ASP A 113 13.00 -4.60 9.49
CA ASP A 113 13.60 -3.30 9.82
C ASP A 113 14.75 -3.51 10.83
N ALA A 114 14.54 -4.32 11.93
CA ALA A 114 15.55 -4.70 12.91
C ALA A 114 16.68 -5.47 12.23
N LEU A 115 16.37 -6.28 11.25
CA LEU A 115 17.43 -7.02 10.62
C LEU A 115 18.37 -6.06 9.91
N GLY A 116 17.79 -5.11 9.23
CA GLY A 116 18.61 -4.14 8.53
C GLY A 116 19.42 -3.37 9.55
N LYS A 117 18.86 -3.08 10.72
CA LYS A 117 19.62 -2.36 11.76
C LYS A 117 20.73 -3.18 12.37
N VAL A 118 20.50 -4.48 12.56
CA VAL A 118 21.57 -5.28 13.11
C VAL A 118 22.79 -5.21 12.19
N HIS A 119 22.57 -5.24 10.87
CA HIS A 119 23.65 -5.23 9.88
C HIS A 119 23.96 -3.83 9.39
N GLU A 120 23.45 -2.84 10.10
CA GLU A 120 23.66 -1.49 9.70
C GLU A 120 23.55 -1.25 8.21
N THR A 121 22.51 -1.80 7.61
CA THR A 121 22.33 -1.57 6.18
C THR A 121 20.86 -1.29 5.78
N PRO A 122 20.63 -0.45 4.78
CA PRO A 122 19.28 -0.18 4.32
C PRO A 122 18.65 -1.51 3.86
N LEU A 123 17.35 -1.63 4.03
CA LEU A 123 16.64 -2.84 3.71
C LEU A 123 16.88 -3.22 2.26
N VAL A 124 16.77 -2.25 1.39
CA VAL A 124 17.00 -2.55 -0.02
C VAL A 124 18.29 -3.30 -0.26
N LYS A 125 19.36 -2.90 0.44
CA LYS A 125 20.63 -3.55 0.22
C LYS A 125 20.69 -4.90 0.85
N LEU A 126 19.98 -5.14 1.90
CA LEU A 126 19.99 -6.44 2.52
C LEU A 126 19.30 -7.48 1.65
N LEU A 127 18.35 -7.00 0.84
CA LEU A 127 17.58 -7.85 -0.10
C LEU A 127 18.40 -8.16 -1.35
N GLY A 128 19.55 -7.49 -1.50
CA GLY A 128 20.53 -7.74 -2.55
C GLY A 128 20.42 -6.76 -3.69
N ALA A 129 19.69 -5.63 -3.56
CA ALA A 129 19.58 -4.79 -4.75
C ALA A 129 20.13 -3.41 -4.45
N ASN A 130 20.31 -2.57 -5.42
CA ASN A 130 20.76 -1.21 -5.19
C ASN A 130 19.59 -0.29 -5.01
N ALA A 131 19.80 0.81 -4.29
CA ALA A 131 18.76 1.77 -4.24
C ALA A 131 18.63 2.49 -5.54
N ARG A 132 17.43 2.75 -6.04
CA ARG A 132 17.25 3.54 -7.27
C ARG A 132 16.00 4.38 -7.02
N PRO A 133 15.91 5.56 -7.57
CA PRO A 133 14.65 6.29 -7.37
C PRO A 133 13.47 5.55 -8.00
N VAL A 134 12.24 5.65 -7.48
CA VAL A 134 11.09 5.02 -8.12
C VAL A 134 10.07 6.02 -8.56
N GLN A 135 9.63 6.13 -9.85
CA GLN A 135 8.52 7.04 -10.16
C GLN A 135 7.31 6.84 -9.24
N ALA A 136 6.66 7.96 -8.82
CA ALA A 136 5.56 7.89 -7.86
C ALA A 136 4.42 8.72 -8.38
N TYR A 137 3.18 8.40 -8.00
CA TYR A 137 2.07 9.23 -8.46
C TYR A 137 1.41 9.63 -7.14
N ASP A 138 0.78 10.80 -7.13
CA ASP A 138 0.10 11.33 -5.98
C ASP A 138 -1.35 10.89 -5.97
N SER A 139 -1.71 10.23 -4.90
CA SER A 139 -3.02 9.65 -4.79
C SER A 139 -4.04 10.57 -4.09
N HIS A 140 -5.07 11.01 -4.80
CA HIS A 140 -6.13 11.85 -4.30
C HIS A 140 -7.41 11.08 -4.06
N SER A 141 -8.56 11.74 -3.86
CA SER A 141 -9.81 11.03 -3.52
C SER A 141 -11.03 11.32 -4.40
N LEU A 142 -12.28 11.02 -3.91
CA LEU A 142 -13.49 11.35 -4.66
C LEU A 142 -13.80 12.82 -4.39
N ASP A 143 -13.05 13.68 -5.07
CA ASP A 143 -13.01 15.09 -4.81
C ASP A 143 -13.85 16.09 -5.57
N GLY A 144 -14.54 15.68 -6.63
CA GLY A 144 -15.32 16.63 -7.39
C GLY A 144 -14.41 17.31 -8.38
N VAL A 145 -14.98 17.89 -9.42
CA VAL A 145 -14.23 18.52 -10.48
C VAL A 145 -13.32 19.60 -9.99
N LYS A 146 -13.85 20.53 -9.19
CA LYS A 146 -12.98 21.60 -8.75
C LYS A 146 -11.77 21.18 -7.90
N LEU A 147 -12.00 20.42 -6.84
CA LEU A 147 -10.91 20.04 -5.98
C LEU A 147 -9.97 19.05 -6.62
N ALA A 148 -10.56 18.16 -7.48
CA ALA A 148 -9.71 17.16 -8.08
C ALA A 148 -8.73 17.88 -8.99
N THR A 149 -9.18 18.94 -9.70
CA THR A 149 -8.38 19.69 -10.64
C THR A 149 -7.32 20.48 -9.90
N GLU A 150 -7.79 21.09 -8.84
CA GLU A 150 -6.89 21.85 -7.99
C GLU A 150 -5.71 21.03 -7.46
N ARG A 151 -6.04 19.83 -6.94
CA ARG A 151 -5.07 18.94 -6.35
C ARG A 151 -4.09 18.37 -7.38
N ALA A 152 -4.58 18.23 -8.64
CA ALA A 152 -3.74 17.73 -9.70
C ALA A 152 -2.74 18.83 -10.07
N VAL A 153 -3.24 20.04 -10.14
CA VAL A 153 -2.33 21.13 -10.48
C VAL A 153 -1.21 21.27 -9.49
N THR A 154 -1.51 21.17 -8.20
CA THR A 154 -0.49 21.19 -7.17
C THR A 154 0.52 20.07 -7.29
N ALA A 155 0.03 18.90 -7.58
CA ALA A 155 0.91 17.73 -7.77
C ALA A 155 1.91 17.91 -8.88
N ALA A 156 1.43 18.40 -10.05
CA ALA A 156 2.33 18.68 -11.13
C ALA A 156 3.30 19.77 -10.65
N GLU A 157 2.83 20.77 -9.86
CA GLU A 157 3.69 21.86 -9.34
C GLU A 157 4.82 21.24 -8.48
N LEU A 158 4.46 20.27 -7.62
CA LEU A 158 5.44 19.60 -6.81
C LEU A 158 6.32 18.65 -7.63
N GLY A 159 6.17 18.56 -8.94
CA GLY A 159 7.01 17.65 -9.68
C GLY A 159 6.44 16.27 -10.02
N PHE A 160 5.27 15.88 -9.47
CA PHE A 160 4.79 14.57 -9.85
C PHE A 160 4.41 14.56 -11.32
N ARG A 161 4.49 13.41 -11.97
CA ARG A 161 4.03 13.33 -13.34
C ARG A 161 2.84 12.44 -13.56
N ALA A 162 2.16 12.15 -12.47
CA ALA A 162 0.92 11.36 -12.53
C ALA A 162 0.12 11.49 -11.24
N VAL A 163 -1.22 11.49 -11.34
CA VAL A 163 -2.18 11.52 -10.25
C VAL A 163 -3.20 10.40 -10.35
N LYS A 164 -3.69 9.98 -9.19
CA LYS A 164 -4.75 8.97 -9.15
C LYS A 164 -5.98 9.65 -8.59
N THR A 165 -7.07 9.64 -9.32
CA THR A 165 -8.30 10.20 -8.76
C THR A 165 -9.32 9.07 -8.50
N ARG A 166 -10.21 9.21 -7.51
CA ARG A 166 -11.26 8.20 -7.38
C ARG A 166 -12.52 8.70 -8.06
N ILE A 167 -13.20 7.77 -8.78
CA ILE A 167 -14.43 8.06 -9.51
C ILE A 167 -15.55 7.11 -9.10
N GLY A 168 -16.67 7.15 -9.83
CA GLY A 168 -17.74 6.27 -9.41
C GLY A 168 -18.89 7.16 -8.97
N TYR A 169 -19.05 8.30 -9.61
CA TYR A 169 -20.15 9.19 -9.27
C TYR A 169 -21.43 8.52 -9.68
N PRO A 170 -22.60 9.11 -9.36
CA PRO A 170 -23.83 8.42 -9.72
C PRO A 170 -24.02 8.23 -11.19
N ALA A 171 -23.52 9.20 -11.98
CA ALA A 171 -23.57 9.14 -13.41
C ALA A 171 -22.19 9.11 -14.04
N LEU A 172 -22.16 8.32 -15.07
CA LEU A 172 -20.94 8.26 -15.84
C LEU A 172 -20.52 9.64 -16.28
N ASP A 173 -21.50 10.44 -16.58
CA ASP A 173 -21.09 11.74 -17.08
C ASP A 173 -20.24 12.55 -16.07
N GLN A 174 -20.41 12.26 -14.78
CA GLN A 174 -19.68 12.95 -13.73
C GLN A 174 -18.24 12.40 -13.67
N ASP A 175 -18.12 11.07 -13.76
CA ASP A 175 -16.78 10.51 -13.81
C ASP A 175 -15.98 11.21 -14.93
N LEU A 176 -16.57 11.36 -16.14
CA LEU A 176 -15.80 11.91 -17.25
C LEU A 176 -15.50 13.38 -17.09
N ALA A 177 -16.38 14.10 -16.40
CA ALA A 177 -16.16 15.53 -16.28
C ALA A 177 -14.88 15.75 -15.53
N VAL A 178 -14.74 14.95 -14.51
CA VAL A 178 -13.57 15.07 -13.67
C VAL A 178 -12.32 14.73 -14.45
N VAL A 179 -12.33 13.61 -15.19
CA VAL A 179 -11.13 13.22 -15.90
C VAL A 179 -10.74 14.30 -16.90
N ARG A 180 -11.72 14.85 -17.59
CA ARG A 180 -11.42 15.88 -18.59
C ARG A 180 -10.92 17.17 -18.01
N SER A 181 -11.50 17.59 -16.92
CA SER A 181 -11.00 18.79 -16.31
C SER A 181 -9.55 18.61 -15.84
N ILE A 182 -9.22 17.43 -15.39
CA ILE A 182 -7.85 17.29 -14.95
C ILE A 182 -6.96 17.42 -16.14
N ARG A 183 -7.28 16.64 -17.17
CA ARG A 183 -6.47 16.64 -18.37
C ARG A 183 -6.18 18.02 -18.94
N GLN A 184 -7.20 18.86 -18.92
CA GLN A 184 -7.08 20.17 -19.50
C GLN A 184 -6.12 21.01 -18.74
N ALA A 185 -6.08 20.83 -17.43
CA ALA A 185 -5.17 21.60 -16.64
C ALA A 185 -3.79 20.97 -16.60
N VAL A 186 -3.67 19.67 -16.82
CA VAL A 186 -2.31 19.18 -16.74
C VAL A 186 -1.66 18.85 -18.07
N GLY A 187 -2.36 18.94 -19.18
CA GLY A 187 -1.72 18.62 -20.43
C GLY A 187 -1.81 17.12 -20.70
N ASP A 188 -1.45 16.72 -21.93
CA ASP A 188 -1.60 15.36 -22.43
C ASP A 188 -0.52 14.38 -22.09
N ASP A 189 0.62 14.91 -21.70
CA ASP A 189 1.67 14.00 -21.32
C ASP A 189 1.20 13.21 -20.06
N PHE A 190 1.02 13.93 -18.97
CA PHE A 190 0.58 13.53 -17.64
C PHE A 190 -0.22 12.27 -17.45
N GLY A 191 0.13 11.45 -16.47
CA GLY A 191 -0.69 10.31 -16.21
C GLY A 191 -1.92 10.60 -15.35
N ILE A 192 -2.98 9.87 -15.65
CA ILE A 192 -4.15 10.08 -14.85
C ILE A 192 -4.66 8.68 -14.57
N MET A 193 -4.53 8.19 -13.34
CA MET A 193 -5.01 6.88 -12.99
C MET A 193 -6.36 7.08 -12.40
N VAL A 194 -7.31 6.10 -12.45
CA VAL A 194 -8.63 6.34 -11.88
C VAL A 194 -8.95 5.08 -11.13
N ASP A 195 -9.61 5.24 -9.98
CA ASP A 195 -9.96 4.14 -9.07
C ASP A 195 -11.45 4.07 -8.83
N TYR A 196 -12.06 2.90 -9.07
CA TYR A 196 -13.52 2.78 -8.85
C TYR A 196 -13.85 2.25 -7.47
N ASN A 197 -12.77 1.82 -6.80
CA ASN A 197 -12.99 1.28 -5.49
C ASN A 197 -14.12 0.29 -5.46
N GLN A 198 -14.10 -0.73 -6.31
CA GLN A 198 -15.10 -1.82 -6.21
C GLN A 198 -16.54 -1.37 -6.32
N SER A 199 -16.81 -0.18 -6.79
CA SER A 199 -18.19 0.22 -6.75
C SER A 199 -19.12 -0.13 -7.94
N LEU A 200 -18.73 -0.88 -9.02
CA LEU A 200 -19.65 -1.12 -10.13
C LEU A 200 -19.86 -2.62 -10.31
N ASP A 201 -20.99 -2.99 -10.97
CA ASP A 201 -21.25 -4.38 -11.35
C ASP A 201 -20.57 -4.61 -12.69
N VAL A 202 -20.39 -5.85 -13.15
CA VAL A 202 -19.64 -6.02 -14.35
C VAL A 202 -20.12 -5.29 -15.58
N PRO A 203 -21.42 -5.31 -15.89
CA PRO A 203 -21.85 -4.62 -17.08
C PRO A 203 -21.63 -3.12 -17.00
N ALA A 204 -21.90 -2.53 -15.83
CA ALA A 204 -21.67 -1.13 -15.68
C ALA A 204 -20.17 -0.86 -15.79
N ALA A 205 -19.32 -1.81 -15.36
CA ALA A 205 -17.87 -1.56 -15.44
C ALA A 205 -17.39 -1.52 -16.87
N ILE A 206 -17.82 -2.50 -17.65
CA ILE A 206 -17.49 -2.50 -19.09
C ILE A 206 -17.95 -1.26 -19.74
N LYS A 207 -19.18 -0.80 -19.52
CA LYS A 207 -19.61 0.45 -20.15
C LYS A 207 -18.82 1.72 -19.77
N ARG A 208 -18.67 1.98 -18.48
CA ARG A 208 -17.93 3.15 -18.00
C ARG A 208 -16.47 3.03 -18.39
N SER A 209 -15.88 1.87 -18.26
CA SER A 209 -14.47 1.73 -18.64
C SER A 209 -14.19 2.04 -20.12
N GLN A 210 -15.06 1.56 -20.99
CA GLN A 210 -14.82 1.83 -22.40
C GLN A 210 -14.97 3.31 -22.66
N ALA A 211 -15.88 3.96 -22.00
CA ALA A 211 -15.95 5.44 -22.27
C ALA A 211 -14.64 6.13 -21.75
N LEU A 212 -14.14 5.66 -20.60
CA LEU A 212 -12.90 6.27 -20.08
C LEU A 212 -11.66 6.00 -20.91
N GLN A 213 -11.59 4.81 -21.48
CA GLN A 213 -10.50 4.33 -22.28
C GLN A 213 -10.42 5.33 -23.40
N GLN A 214 -11.54 5.75 -23.92
CA GLN A 214 -11.59 6.74 -24.98
C GLN A 214 -11.04 8.06 -24.51
N GLU A 215 -11.12 8.36 -23.20
CA GLU A 215 -10.60 9.63 -22.69
C GLU A 215 -9.10 9.65 -22.64
N GLY A 216 -8.54 8.57 -22.19
CA GLY A 216 -7.11 8.46 -22.12
C GLY A 216 -6.54 8.19 -20.72
N VAL A 217 -7.13 7.31 -19.95
CA VAL A 217 -6.54 7.11 -18.66
C VAL A 217 -5.41 6.11 -18.68
N THR A 218 -4.57 6.20 -17.65
CA THR A 218 -3.46 5.29 -17.48
C THR A 218 -3.93 3.90 -17.05
N TRP A 219 -4.79 3.80 -16.07
CA TRP A 219 -5.27 2.45 -15.71
C TRP A 219 -6.69 2.55 -15.15
N ILE A 220 -7.41 1.39 -15.06
CA ILE A 220 -8.73 1.39 -14.46
C ILE A 220 -8.63 0.46 -13.28
N GLU A 221 -8.77 1.01 -12.07
CA GLU A 221 -8.46 0.19 -10.88
C GLU A 221 -9.69 -0.29 -10.11
N GLU A 222 -9.67 -1.53 -9.67
CA GLU A 222 -10.78 -2.12 -8.92
C GLU A 222 -12.18 -1.70 -9.36
N PRO A 223 -12.55 -2.02 -10.58
CA PRO A 223 -13.88 -1.72 -11.03
C PRO A 223 -15.04 -2.48 -10.34
N THR A 224 -14.85 -3.66 -9.78
CA THR A 224 -15.93 -4.42 -9.20
C THR A 224 -15.42 -5.06 -7.94
N LEU A 225 -16.27 -5.85 -7.28
CA LEU A 225 -15.87 -6.44 -6.00
C LEU A 225 -14.54 -7.02 -6.08
N GLN A 226 -13.69 -6.70 -5.10
CA GLN A 226 -12.30 -7.18 -5.18
C GLN A 226 -12.14 -8.67 -5.29
N HIS A 227 -12.98 -9.38 -4.58
CA HIS A 227 -12.87 -10.86 -4.62
C HIS A 227 -13.41 -11.53 -5.90
N ASP A 228 -14.06 -10.80 -6.79
CA ASP A 228 -14.57 -11.48 -7.98
C ASP A 228 -13.53 -11.36 -9.07
N TYR A 229 -12.62 -12.37 -9.08
CA TYR A 229 -11.52 -12.39 -10.06
C TYR A 229 -11.97 -12.53 -11.47
N GLU A 230 -12.84 -13.54 -11.59
CA GLU A 230 -13.49 -13.87 -12.84
C GLU A 230 -14.26 -12.68 -13.39
N GLY A 231 -14.90 -11.91 -12.52
CA GLY A 231 -15.59 -10.72 -13.01
C GLY A 231 -14.59 -9.65 -13.54
N HIS A 232 -13.43 -9.46 -12.83
CA HIS A 232 -12.37 -8.58 -13.36
C HIS A 232 -11.82 -9.08 -14.67
N GLN A 233 -11.65 -10.37 -14.83
CA GLN A 233 -11.22 -10.88 -16.10
C GLN A 233 -12.22 -10.58 -17.23
N ARG A 234 -13.53 -10.63 -16.93
CA ARG A 234 -14.48 -10.27 -17.96
C ARG A 234 -14.41 -8.81 -18.36
N ILE A 235 -14.25 -7.94 -17.41
CA ILE A 235 -14.17 -6.52 -17.77
C ILE A 235 -12.88 -6.32 -18.58
N GLN A 236 -11.77 -6.88 -18.09
CA GLN A 236 -10.48 -6.70 -18.80
C GLN A 236 -10.57 -7.17 -20.22
N SER A 237 -11.32 -8.29 -20.47
CA SER A 237 -11.40 -8.88 -21.82
C SER A 237 -11.99 -7.92 -22.81
N LYS A 238 -12.73 -6.90 -22.38
CA LYS A 238 -13.23 -5.95 -23.35
C LYS A 238 -12.52 -4.59 -23.37
N LEU A 239 -11.33 -4.51 -22.76
CA LEU A 239 -10.61 -3.26 -22.71
C LEU A 239 -9.21 -3.43 -23.31
N ASN A 240 -8.63 -2.33 -23.82
CA ASN A 240 -7.26 -2.23 -24.28
C ASN A 240 -6.45 -1.67 -23.10
N VAL A 241 -7.05 -0.65 -22.45
CA VAL A 241 -6.46 -0.02 -21.27
C VAL A 241 -6.32 -1.06 -20.21
N PRO A 242 -5.24 -1.05 -19.43
CA PRO A 242 -5.26 -2.06 -18.43
C PRO A 242 -6.11 -1.94 -17.15
N VAL A 243 -6.58 -3.10 -16.64
CA VAL A 243 -7.24 -3.21 -15.38
C VAL A 243 -6.22 -3.37 -14.25
N GLN A 244 -6.34 -2.57 -13.16
CA GLN A 244 -5.38 -2.68 -12.10
C GLN A 244 -6.06 -3.19 -10.87
N MET A 245 -5.37 -3.97 -10.05
CA MET A 245 -6.02 -4.35 -8.78
C MET A 245 -4.95 -4.94 -7.93
N GLY A 246 -5.24 -5.49 -6.73
CA GLY A 246 -4.23 -6.16 -5.90
C GLY A 246 -4.12 -5.62 -4.45
N GLU A 247 -4.67 -4.42 -4.21
CA GLU A 247 -4.61 -3.82 -2.85
C GLU A 247 -5.32 -4.59 -1.79
N ASN A 248 -6.07 -5.58 -2.26
CA ASN A 248 -6.92 -6.30 -1.28
C ASN A 248 -6.60 -7.78 -1.19
N TRP A 249 -5.51 -8.20 -1.90
CA TRP A 249 -5.09 -9.56 -1.83
C TRP A 249 -4.53 -9.77 -0.44
N LEU A 250 -5.05 -10.78 0.20
CA LEU A 250 -4.55 -11.15 1.52
C LEU A 250 -3.60 -12.32 1.36
N GLY A 251 -2.30 -12.02 1.17
CA GLY A 251 -1.32 -13.12 1.01
C GLY A 251 -1.06 -13.40 -0.51
N PRO A 252 0.11 -13.96 -0.89
CA PRO A 252 0.36 -14.14 -2.30
C PRO A 252 -0.50 -15.27 -2.82
N GLU A 253 -1.06 -16.07 -1.92
CA GLU A 253 -1.90 -17.16 -2.46
C GLU A 253 -3.21 -16.61 -3.03
N GLU A 254 -3.66 -15.40 -2.56
CA GLU A 254 -4.81 -14.78 -3.24
C GLU A 254 -4.36 -14.13 -4.54
N MET A 255 -3.17 -13.55 -4.51
CA MET A 255 -2.72 -12.98 -5.81
C MET A 255 -2.54 -14.09 -6.85
N PHE A 256 -2.04 -15.22 -6.41
CA PHE A 256 -1.82 -16.32 -7.36
C PHE A 256 -3.12 -16.74 -8.05
N LYS A 257 -4.17 -16.87 -7.24
CA LYS A 257 -5.48 -17.15 -7.78
C LYS A 257 -5.98 -16.15 -8.79
N ALA A 258 -5.75 -14.86 -8.51
CA ALA A 258 -6.29 -13.89 -9.47
C ALA A 258 -5.41 -13.90 -10.72
N LEU A 259 -4.08 -14.02 -10.56
CA LEU A 259 -3.26 -14.02 -11.78
C LEU A 259 -3.49 -15.26 -12.65
N SER A 260 -3.76 -16.39 -12.00
CA SER A 260 -3.93 -17.67 -12.70
C SER A 260 -5.09 -17.62 -13.70
N ILE A 261 -6.00 -16.76 -13.39
CA ILE A 261 -7.17 -16.51 -14.23
C ILE A 261 -7.14 -15.31 -15.13
N GLY A 262 -6.10 -14.48 -15.12
CA GLY A 262 -6.10 -13.40 -16.04
C GLY A 262 -6.99 -12.27 -15.58
N ALA A 263 -7.08 -12.07 -14.25
CA ALA A 263 -7.97 -11.01 -13.87
C ALA A 263 -7.52 -9.63 -14.20
N CYS A 264 -6.21 -9.39 -14.39
CA CYS A 264 -5.86 -8.02 -14.60
C CYS A 264 -4.54 -8.01 -15.36
N ARG A 265 -4.21 -6.84 -15.89
CA ARG A 265 -2.91 -6.69 -16.52
C ARG A 265 -1.76 -5.99 -15.70
N LEU A 266 -2.07 -5.39 -14.54
CA LEU A 266 -1.23 -4.65 -13.60
C LEU A 266 -1.57 -5.13 -12.23
N ALA A 267 -0.60 -5.09 -11.32
CA ALA A 267 -0.88 -5.55 -9.98
C ALA A 267 -0.38 -4.46 -9.06
N MET A 268 -0.92 -4.32 -7.84
CA MET A 268 -0.44 -3.33 -6.92
C MET A 268 -0.67 -3.88 -5.48
N PRO A 269 0.13 -4.88 -5.07
CA PRO A 269 0.00 -5.45 -3.73
C PRO A 269 0.14 -4.34 -2.66
N ASP A 270 -0.45 -4.59 -1.44
CA ASP A 270 -0.39 -3.70 -0.31
C ASP A 270 0.57 -4.38 0.66
N ALA A 271 1.67 -3.70 1.01
CA ALA A 271 2.72 -4.37 1.81
C ALA A 271 2.21 -5.10 3.07
N MET A 272 1.17 -4.49 3.66
CA MET A 272 0.62 -5.10 4.85
C MET A 272 -0.20 -6.31 4.48
N LYS A 273 -1.13 -6.19 3.50
CA LYS A 273 -2.01 -7.35 3.27
C LYS A 273 -1.33 -8.53 2.56
N ILE A 274 -0.29 -8.17 1.81
CA ILE A 274 0.42 -9.16 1.05
C ILE A 274 1.31 -10.00 1.92
N GLY A 275 1.47 -9.62 3.18
CA GLY A 275 2.31 -10.46 4.10
C GLY A 275 3.66 -9.87 4.52
N GLY A 276 3.82 -8.58 4.36
CA GLY A 276 5.07 -7.87 4.69
C GLY A 276 6.18 -7.99 3.64
N VAL A 277 7.41 -7.93 4.09
CA VAL A 277 8.55 -8.01 3.21
C VAL A 277 8.58 -9.47 2.71
N THR A 278 8.39 -10.41 3.59
CA THR A 278 8.41 -11.82 3.20
C THR A 278 7.33 -12.11 2.15
N GLY A 279 6.11 -11.60 2.32
CA GLY A 279 5.07 -11.82 1.31
C GLY A 279 5.38 -11.12 -0.02
N TRP A 280 5.93 -9.92 0.10
CA TRP A 280 6.22 -9.19 -1.10
C TRP A 280 7.25 -9.88 -1.96
N ILE A 281 8.30 -10.42 -1.34
CA ILE A 281 9.31 -11.03 -2.17
C ILE A 281 8.68 -12.11 -2.98
N ARG A 282 7.76 -12.82 -2.34
CA ARG A 282 7.01 -13.91 -2.96
C ARG A 282 6.12 -13.40 -4.08
N ALA A 283 5.40 -12.34 -3.83
CA ALA A 283 4.54 -11.78 -4.84
C ALA A 283 5.30 -11.22 -6.07
N SER A 284 6.51 -10.78 -5.78
CA SER A 284 7.32 -10.21 -6.86
C SER A 284 7.76 -11.36 -7.80
N ALA A 285 8.08 -12.53 -7.24
CA ALA A 285 8.49 -13.61 -8.10
C ALA A 285 7.34 -13.99 -9.06
N LEU A 286 6.10 -14.01 -8.52
CA LEU A 286 4.88 -14.37 -9.28
C LEU A 286 4.63 -13.35 -10.36
N ALA A 287 4.67 -12.07 -9.96
CA ALA A 287 4.48 -11.03 -10.95
C ALA A 287 5.47 -11.17 -12.06
N GLN A 288 6.70 -11.55 -11.70
CA GLN A 288 7.66 -11.58 -12.78
C GLN A 288 7.26 -12.66 -13.78
N GLN A 289 6.90 -13.80 -13.26
CA GLN A 289 6.62 -14.91 -14.18
C GLN A 289 5.32 -14.70 -14.96
N PHE A 290 4.30 -14.13 -14.33
CA PHE A 290 3.10 -13.89 -15.15
C PHE A 290 3.23 -12.68 -16.07
N GLY A 291 4.34 -11.96 -16.04
CA GLY A 291 4.40 -10.84 -17.00
C GLY A 291 3.60 -9.61 -16.59
N ILE A 292 3.53 -9.34 -15.28
CA ILE A 292 2.72 -8.21 -14.82
C ILE A 292 3.48 -7.06 -14.15
N PRO A 293 3.38 -5.82 -14.59
CA PRO A 293 4.06 -4.73 -13.92
C PRO A 293 3.47 -4.59 -12.56
N MET A 294 4.30 -4.38 -11.55
CA MET A 294 3.86 -4.37 -10.16
C MET A 294 4.22 -3.03 -9.47
N SER A 295 3.19 -2.39 -8.91
CA SER A 295 3.20 -1.12 -8.21
C SER A 295 2.88 -1.39 -6.76
N SER A 296 2.86 -0.34 -5.92
CA SER A 296 2.58 -0.57 -4.51
C SER A 296 1.25 0.08 -4.12
N HIS A 297 0.71 -0.26 -2.92
CA HIS A 297 -0.52 0.34 -2.41
C HIS A 297 -0.20 0.79 -0.97
N LEU A 298 -0.13 2.12 -0.68
CA LEU A 298 0.17 2.66 0.71
C LEU A 298 1.55 2.26 1.22
N PHE A 299 1.91 2.44 2.52
CA PHE A 299 3.23 2.08 3.04
C PHE A 299 4.37 2.58 2.14
N GLN A 300 4.30 3.85 1.74
CA GLN A 300 5.28 4.40 0.83
C GLN A 300 6.72 4.23 1.39
N GLU A 301 6.96 4.16 2.72
CA GLU A 301 8.31 4.17 3.29
C GLU A 301 9.02 2.89 2.90
N ILE A 302 8.37 1.79 3.29
CA ILE A 302 8.96 0.48 2.97
C ILE A 302 8.77 0.11 1.49
N SER A 303 7.78 0.67 0.78
CA SER A 303 7.54 0.28 -0.60
C SER A 303 8.63 0.74 -1.49
N ALA A 304 9.21 1.88 -1.17
CA ALA A 304 10.32 2.42 -1.96
C ALA A 304 11.47 1.42 -2.03
N HIS A 305 11.73 0.75 -0.90
CA HIS A 305 12.79 -0.22 -0.82
C HIS A 305 12.35 -1.50 -1.54
N LEU A 306 11.07 -1.87 -1.35
CA LEU A 306 10.57 -3.11 -1.90
C LEU A 306 10.53 -3.08 -3.42
N LEU A 307 10.05 -2.00 -3.94
CA LEU A 307 10.04 -1.89 -5.39
C LEU A 307 11.41 -1.87 -6.06
N ALA A 308 12.44 -1.34 -5.40
CA ALA A 308 13.77 -1.34 -5.99
C ALA A 308 14.28 -2.74 -6.20
N ALA A 309 13.76 -3.73 -5.43
CA ALA A 309 14.22 -5.10 -5.52
C ALA A 309 13.24 -5.92 -6.29
N THR A 310 12.29 -5.24 -6.99
CA THR A 310 11.19 -5.91 -7.67
C THR A 310 11.43 -5.90 -9.19
N PRO A 311 11.66 -7.06 -9.81
CA PRO A 311 11.92 -7.05 -11.25
C PRO A 311 10.98 -6.27 -12.15
N THR A 312 9.69 -6.38 -11.99
CA THR A 312 8.75 -5.68 -12.83
C THR A 312 8.24 -4.41 -12.18
N ALA A 313 9.04 -3.75 -11.37
CA ALA A 313 8.48 -2.56 -10.66
C ALA A 313 7.84 -1.58 -11.58
N HIS A 314 6.76 -0.89 -11.12
CA HIS A 314 6.14 -0.01 -12.08
C HIS A 314 5.98 1.35 -11.36
N TRP A 315 4.94 1.57 -10.55
CA TRP A 315 4.79 2.85 -9.85
C TRP A 315 4.73 2.70 -8.33
N LEU A 316 5.09 3.81 -7.64
CA LEU A 316 4.97 3.92 -6.19
C LEU A 316 3.81 4.85 -5.93
N GLU A 317 2.93 4.43 -5.01
CA GLU A 317 1.74 5.25 -4.73
C GLU A 317 2.04 6.21 -3.59
N ARG A 318 2.00 7.51 -3.85
CA ARG A 318 2.26 8.44 -2.78
C ARG A 318 0.96 8.73 -2.04
N LEU A 319 0.83 8.27 -0.78
CA LEU A 319 -0.34 8.54 0.07
C LEU A 319 0.25 8.51 1.43
N ASP A 320 0.43 9.68 1.99
CA ASP A 320 1.13 9.74 3.26
C ASP A 320 0.27 9.54 4.51
N LEU A 321 0.06 8.32 4.94
CA LEU A 321 -0.75 8.10 6.11
C LEU A 321 -0.07 8.50 7.39
N ALA A 322 1.20 8.08 7.60
CA ALA A 322 1.86 8.28 8.89
C ALA A 322 2.76 9.52 9.05
N GLY A 323 2.71 10.43 8.11
CA GLY A 323 3.54 11.61 8.11
C GLY A 323 3.57 12.43 9.39
N SER A 324 2.50 12.37 10.16
CA SER A 324 2.36 13.17 11.33
C SER A 324 3.19 12.60 12.45
N VAL A 325 3.51 11.31 12.40
CA VAL A 325 4.23 10.77 13.51
C VAL A 325 5.53 10.19 13.09
N ILE A 326 6.01 10.45 11.87
CA ILE A 326 7.33 9.92 11.49
C ILE A 326 8.20 10.99 10.87
N GLU A 327 9.53 10.88 11.01
CA GLU A 327 10.32 11.91 10.34
C GLU A 327 10.26 11.73 8.84
N PRO A 328 10.43 12.80 8.10
CA PRO A 328 10.29 12.72 6.67
C PRO A 328 11.54 12.25 6.01
N THR A 329 12.03 11.03 6.27
CA THR A 329 13.28 10.62 5.67
C THR A 329 13.14 10.24 4.19
N LEU A 330 11.91 9.85 3.79
CA LEU A 330 11.71 9.49 2.38
C LEU A 330 11.47 10.81 1.71
N THR A 331 12.11 11.13 0.60
CA THR A 331 11.86 12.40 -0.02
C THR A 331 11.47 12.13 -1.46
N PHE A 332 10.79 13.10 -2.09
CA PHE A 332 10.40 12.95 -3.47
C PHE A 332 11.10 14.00 -4.31
N GLU A 333 11.84 13.61 -5.29
CA GLU A 333 12.47 14.63 -6.00
C GLU A 333 12.18 14.44 -7.48
N GLY A 334 11.52 15.40 -8.15
CA GLY A 334 11.36 15.15 -9.58
C GLY A 334 10.36 14.04 -9.86
N GLY A 335 9.49 13.85 -8.88
CA GLY A 335 8.40 12.90 -8.91
C GLY A 335 8.81 11.51 -8.57
N ASN A 336 10.03 11.31 -8.07
CA ASN A 336 10.55 9.99 -7.80
C ASN A 336 10.81 9.88 -6.31
N ALA A 337 10.41 8.76 -5.76
CA ALA A 337 10.66 8.61 -4.34
C ALA A 337 12.16 8.28 -4.17
N VAL A 338 12.92 8.78 -3.14
CA VAL A 338 14.35 8.54 -2.95
C VAL A 338 14.58 7.83 -1.59
N ILE A 339 15.05 6.61 -1.57
CA ILE A 339 15.26 5.84 -0.34
C ILE A 339 16.24 6.59 0.51
N PRO A 340 16.02 6.69 1.78
CA PRO A 340 17.00 7.45 2.54
C PRO A 340 18.16 6.52 2.91
N ASP A 341 19.33 7.08 3.18
CA ASP A 341 20.42 6.17 3.53
C ASP A 341 20.56 6.01 5.03
N LEU A 342 19.71 5.16 5.54
CA LEU A 342 19.63 4.85 6.97
C LEU A 342 19.35 3.35 7.03
N PRO A 343 19.83 2.62 8.04
CA PRO A 343 19.65 1.21 8.18
C PRO A 343 18.17 0.91 8.32
N GLY A 344 17.78 -0.31 7.97
CA GLY A 344 16.37 -0.71 8.05
C GLY A 344 15.56 -0.02 7.02
N VAL A 345 14.36 0.37 7.39
CA VAL A 345 13.46 0.99 6.42
C VAL A 345 13.59 2.48 6.50
N GLY A 346 14.11 2.95 7.59
CA GLY A 346 14.32 4.39 7.78
C GLY A 346 13.17 5.11 8.46
N ILE A 347 12.39 4.34 9.22
CA ILE A 347 11.27 4.90 9.96
C ILE A 347 11.74 5.36 11.35
N ILE A 348 11.56 6.64 11.68
CA ILE A 348 11.97 7.21 12.96
C ILE A 348 10.83 8.00 13.52
N TRP A 349 10.40 7.55 14.68
CA TRP A 349 9.23 8.18 15.28
C TRP A 349 9.45 9.62 15.77
N ARG A 350 8.37 10.41 15.81
CA ARG A 350 8.32 11.76 16.39
C ARG A 350 7.58 11.57 17.69
N GLU A 351 8.28 11.02 18.65
CA GLU A 351 7.66 10.71 19.94
C GLU A 351 6.70 11.74 20.51
N LYS A 352 7.13 12.98 20.44
CA LYS A 352 6.37 14.11 20.88
C LYS A 352 4.96 14.01 20.30
N GLU A 353 4.87 13.89 18.98
CA GLU A 353 3.55 13.90 18.39
C GLU A 353 2.70 12.69 18.64
N ILE A 354 3.34 11.55 18.67
CA ILE A 354 2.57 10.35 18.85
C ILE A 354 1.66 10.52 20.07
N GLY A 355 2.22 11.21 21.11
CA GLY A 355 1.58 11.48 22.38
C GLY A 355 0.25 12.17 22.20
N LYS A 356 0.15 13.04 21.20
CA LYS A 356 -1.07 13.76 20.91
C LYS A 356 -2.23 12.94 20.34
N TYR A 357 -1.90 11.91 19.56
CA TYR A 357 -2.90 11.17 18.82
C TYR A 357 -3.27 9.85 19.39
N LEU A 358 -2.61 9.55 20.49
CA LEU A 358 -2.85 8.31 21.17
C LEU A 358 -4.32 8.07 21.42
N VAL A 359 -4.71 6.84 21.25
CA VAL A 359 -6.09 6.46 21.47
C VAL A 359 -6.16 5.76 22.80
#